data_5FOW
#
_entry.id   5FOW
#
_cell.length_a   40.479
_cell.length_b   87.598
_cell.length_c   61.938
_cell.angle_alpha   90.00
_cell.angle_beta   92.37
_cell.angle_gamma   90.00
#
_symmetry.space_group_name_H-M   'P 1 21 1'
#
loop_
_entity.id
_entity.type
_entity.pdbx_description
1 polymer 'DNA repair and recombination protein RadA'
2 polymer 'WHTA PEPTIDE'
3 non-polymer 'PHOSPHATE ION'
4 water water
#
loop_
_entity_poly.entity_id
_entity_poly.type
_entity_poly.pdbx_seq_one_letter_code
_entity_poly.pdbx_strand_id
1 'polypeptide(L)'
;MATIGRISTGSKSLDKLLGGGIETQAITEVFGEFGSGKTQLAHTLAVMVQLPPEEGGLNGSVMWIDTENTFRPERIREIA
QNRGLDPDEVLKHIAYARAFNSNHQMLLVQQAEDMIKELLNTDRPVKLLIVDSLTSHFRSEYIGRGALAERQQKLAKHLA
DLHRLANLYDIAVFVTNQVQANGGHILAHSATLRVYLRKGKGGKRIARLIDAPHLPEGEAVFSITEKGIED
;
A,C
2 'polypeptide(L)' (ACE)WHTA(NH2) E,F
#
# COMPACT_ATOMS: atom_id res chain seq x y z
N ALA A 2 12.89 8.53 -8.71
CA ALA A 2 13.81 7.85 -9.61
C ALA A 2 13.20 7.68 -11.00
N THR A 3 13.97 8.04 -12.03
CA THR A 3 13.58 7.79 -13.41
C THR A 3 13.47 6.28 -13.65
N ILE A 4 12.50 5.89 -14.48
CA ILE A 4 12.30 4.49 -14.83
C ILE A 4 13.47 3.97 -15.66
N GLY A 5 13.89 2.72 -15.40
CA GLY A 5 14.80 2.02 -16.29
C GLY A 5 14.05 1.05 -17.21
N ARG A 6 14.66 0.68 -18.33
CA ARG A 6 13.99 -0.18 -19.32
CA ARG A 6 13.99 -0.18 -19.32
C ARG A 6 14.96 -1.26 -19.78
N ILE A 7 14.54 -2.52 -19.62
CA ILE A 7 15.35 -3.70 -19.97
C ILE A 7 14.90 -4.23 -21.33
N SER A 8 15.82 -4.26 -22.30
CA SER A 8 15.49 -4.81 -23.61
C SER A 8 15.17 -6.31 -23.50
N THR A 9 14.23 -6.78 -24.32
CA THR A 9 13.87 -8.18 -24.32
C THR A 9 14.75 -9.04 -25.22
N GLY A 10 15.59 -8.42 -26.06
CA GLY A 10 16.22 -9.13 -27.14
C GLY A 10 15.46 -9.06 -28.45
N SER A 11 14.16 -8.79 -28.40
CA SER A 11 13.34 -8.58 -29.60
C SER A 11 13.11 -7.08 -29.78
N LYS A 12 13.64 -6.51 -30.86
CA LYS A 12 13.46 -5.08 -31.07
C LYS A 12 12.00 -4.73 -31.36
N SER A 13 11.24 -5.65 -31.95
CA SER A 13 9.81 -5.39 -32.14
C SER A 13 9.07 -5.43 -30.81
N LEU A 14 9.34 -6.44 -29.98
CA LEU A 14 8.71 -6.47 -28.67
C LEU A 14 9.14 -5.26 -27.84
N ASP A 15 10.42 -4.87 -27.92
CA ASP A 15 10.87 -3.67 -27.21
C ASP A 15 10.06 -2.44 -27.61
N LYS A 16 9.66 -2.35 -28.89
CA LYS A 16 8.89 -1.21 -29.36
C LYS A 16 7.48 -1.21 -28.78
N LEU A 17 6.82 -2.38 -28.77
CA LEU A 17 5.55 -2.51 -28.07
C LEU A 17 5.65 -2.01 -26.64
N LEU A 18 6.77 -2.29 -25.96
CA LEU A 18 6.96 -1.99 -24.55
C LEU A 18 7.51 -0.59 -24.30
N GLY A 19 7.64 0.25 -25.33
CA GLY A 19 8.18 1.57 -25.13
C GLY A 19 9.66 1.62 -24.83
N GLY A 20 10.40 0.57 -25.19
CA GLY A 20 11.83 0.53 -24.90
C GLY A 20 12.32 -0.75 -24.25
N GLY A 21 11.45 -1.36 -23.45
CA GLY A 21 11.80 -2.56 -22.71
C GLY A 21 10.85 -2.70 -21.54
N ILE A 22 11.05 -3.78 -20.77
CA ILE A 22 10.24 -3.91 -19.55
C ILE A 22 10.77 -2.91 -18.51
N GLU A 23 9.85 -2.31 -17.76
CA GLU A 23 10.15 -1.15 -16.93
C GLU A 23 10.48 -1.53 -15.50
N THR A 24 11.41 -0.80 -14.89
CA THR A 24 11.50 -0.86 -13.43
C THR A 24 10.31 -0.12 -12.83
N GLN A 25 10.09 -0.35 -11.52
CA GLN A 25 8.95 0.21 -10.78
C GLN A 25 7.62 -0.25 -11.34
N ALA A 26 7.60 -1.49 -11.84
CA ALA A 26 6.43 -2.06 -12.49
C ALA A 26 6.52 -3.57 -12.43
N ILE A 27 5.34 -4.20 -12.53
CA ILE A 27 5.19 -5.65 -12.66
C ILE A 27 4.68 -5.93 -14.06
N THR A 28 5.48 -6.65 -14.86
CA THR A 28 5.05 -7.06 -16.18
C THR A 28 4.69 -8.56 -16.14
N GLU A 29 3.49 -8.89 -16.58
CA GLU A 29 3.01 -10.27 -16.63
C GLU A 29 3.01 -10.75 -18.07
N VAL A 30 3.66 -11.88 -18.35
CA VAL A 30 3.48 -12.58 -19.62
C VAL A 30 2.58 -13.79 -19.39
N PHE A 31 1.56 -13.97 -20.24
CA PHE A 31 0.63 -15.07 -20.06
C PHE A 31 0.32 -15.72 -21.41
N GLY A 32 0.04 -17.01 -21.38
CA GLY A 32 -0.20 -17.77 -22.58
C GLY A 32 -0.20 -19.27 -22.29
N GLU A 33 -0.51 -20.04 -23.32
CA GLU A 33 -0.66 -21.48 -23.16
C GLU A 33 0.68 -22.14 -22.83
N PHE A 34 0.60 -23.36 -22.31
CA PHE A 34 1.78 -24.17 -22.10
C PHE A 34 2.53 -24.30 -23.41
N GLY A 35 3.84 -24.01 -23.39
CA GLY A 35 4.67 -24.13 -24.55
C GLY A 35 4.88 -22.86 -25.35
N SER A 36 4.28 -21.74 -24.94
CA SER A 36 4.32 -20.54 -25.76
C SER A 36 5.62 -19.75 -25.65
N GLY A 37 6.52 -20.13 -24.75
CA GLY A 37 7.79 -19.45 -24.60
C GLY A 37 7.93 -18.51 -23.43
N LYS A 38 7.03 -18.58 -22.44
CA LYS A 38 7.13 -17.65 -21.30
C LYS A 38 8.47 -17.81 -20.57
N THR A 39 8.90 -19.04 -20.37
CA THR A 39 10.11 -19.26 -19.59
C THR A 39 11.36 -18.92 -20.40
N GLN A 40 11.29 -19.03 -21.74
CA GLN A 40 12.41 -18.56 -22.56
C GLN A 40 12.56 -17.04 -22.48
N LEU A 41 11.45 -16.30 -22.51
CA LEU A 41 11.53 -14.85 -22.33
C LEU A 41 12.16 -14.50 -20.99
N ALA A 42 11.79 -15.23 -19.93
CA ALA A 42 12.38 -14.97 -18.61
C ALA A 42 13.88 -15.25 -18.59
N HIS A 43 14.31 -16.38 -19.18
CA HIS A 43 15.75 -16.66 -19.28
C HIS A 43 16.48 -15.56 -20.04
N THR A 44 15.90 -15.08 -21.15
CA THR A 44 16.57 -14.04 -21.93
C THR A 44 16.68 -12.75 -21.12
N LEU A 45 15.62 -12.39 -20.38
CA LEU A 45 15.69 -11.16 -19.59
C LEU A 45 16.72 -11.27 -18.47
N ALA A 46 16.92 -12.46 -17.91
CA ALA A 46 17.87 -12.63 -16.82
C ALA A 46 19.30 -12.37 -17.29
N VAL A 47 19.57 -12.49 -18.58
CA VAL A 47 20.88 -12.09 -19.15
C VAL A 47 20.87 -10.64 -19.57
N MET A 48 19.83 -10.19 -20.30
CA MET A 48 19.83 -8.83 -20.85
C MET A 48 20.00 -7.76 -19.76
N VAL A 49 19.41 -7.97 -18.57
CA VAL A 49 19.51 -6.93 -17.53
C VAL A 49 20.96 -6.74 -17.10
N GLN A 50 21.81 -7.73 -17.31
CA GLN A 50 23.19 -7.66 -16.87
C GLN A 50 24.07 -6.88 -17.84
N LEU A 51 23.54 -6.57 -19.02
CA LEU A 51 24.26 -5.76 -19.99
C LEU A 51 24.36 -4.32 -19.50
N PRO A 52 25.28 -3.54 -20.05
CA PRO A 52 25.32 -2.10 -19.73
C PRO A 52 24.17 -1.37 -20.39
N PRO A 53 23.82 -0.17 -19.90
CA PRO A 53 22.62 0.52 -20.43
C PRO A 53 22.64 0.75 -21.94
N GLU A 54 23.81 1.06 -22.52
CA GLU A 54 23.86 1.31 -23.95
C GLU A 54 23.64 0.05 -24.77
N GLU A 55 23.59 -1.12 -24.13
CA GLU A 55 23.21 -2.35 -24.80
C GLU A 55 21.83 -2.84 -24.34
N GLY A 56 21.08 -1.99 -23.65
CA GLY A 56 19.73 -2.34 -23.25
C GLY A 56 19.59 -2.96 -21.89
N GLY A 57 20.67 -3.07 -21.11
CA GLY A 57 20.62 -3.60 -19.76
C GLY A 57 20.65 -2.50 -18.71
N LEU A 58 20.83 -2.94 -17.47
CA LEU A 58 20.88 -2.02 -16.32
C LEU A 58 22.04 -2.35 -15.39
N ASN A 59 23.05 -3.09 -15.87
CA ASN A 59 24.18 -3.55 -15.07
C ASN A 59 23.67 -4.20 -13.77
N GLY A 60 22.64 -5.03 -13.89
CA GLY A 60 21.92 -5.47 -12.71
C GLY A 60 22.06 -6.93 -12.32
N SER A 61 21.79 -7.23 -11.06
CA SER A 61 21.66 -8.60 -10.57
C SER A 61 20.21 -9.07 -10.65
N VAL A 62 20.02 -10.38 -10.48
CA VAL A 62 18.73 -11.03 -10.71
C VAL A 62 18.38 -11.88 -9.50
N MET A 63 17.08 -11.92 -9.18
CA MET A 63 16.54 -12.88 -8.23
C MET A 63 15.42 -13.64 -8.94
N TRP A 64 15.45 -14.98 -8.83
CA TRP A 64 14.56 -15.85 -9.60
C TRP A 64 13.83 -16.79 -8.66
N ILE A 65 12.50 -16.72 -8.62
CA ILE A 65 11.68 -17.67 -7.86
C ILE A 65 11.04 -18.65 -8.84
N ASP A 66 11.36 -19.93 -8.69
CA ASP A 66 10.91 -21.00 -9.56
C ASP A 66 9.84 -21.80 -8.85
N THR A 67 8.72 -22.08 -9.53
CA THR A 67 7.71 -22.95 -8.95
C THR A 67 7.51 -24.25 -9.73
N GLU A 68 8.12 -24.41 -10.90
CA GLU A 68 7.93 -25.61 -11.72
C GLU A 68 9.23 -26.31 -12.12
N ASN A 69 10.36 -25.98 -11.47
CA ASN A 69 11.67 -26.58 -11.77
C ASN A 69 12.08 -26.37 -13.22
N THR A 70 11.70 -25.22 -13.81
CA THR A 70 11.95 -24.93 -15.22
C THR A 70 13.18 -24.06 -15.46
N PHE A 71 13.87 -23.61 -14.41
CA PHE A 71 15.07 -22.81 -14.57
C PHE A 71 16.23 -23.70 -14.99
N ARG A 72 17.00 -23.23 -15.97
CA ARG A 72 18.05 -24.04 -16.58
C ARG A 72 19.33 -23.22 -16.65
N PRO A 73 20.25 -23.42 -15.70
CA PRO A 73 21.51 -22.65 -15.74
C PRO A 73 22.25 -22.75 -17.06
N GLU A 74 22.22 -23.91 -17.72
CA GLU A 74 22.97 -24.03 -18.98
C GLU A 74 22.32 -23.19 -20.08
N ARG A 75 21.01 -22.95 -19.99
CA ARG A 75 20.37 -22.03 -20.92
C ARG A 75 20.82 -20.60 -20.67
N ILE A 76 20.98 -20.22 -19.40
CA ILE A 76 21.53 -18.91 -19.07
C ILE A 76 22.91 -18.75 -19.67
N ARG A 77 23.76 -19.77 -19.49
CA ARG A 77 25.14 -19.69 -19.97
C ARG A 77 25.18 -19.60 -21.50
N GLU A 78 24.29 -20.32 -22.19
CA GLU A 78 24.26 -20.27 -23.65
C GLU A 78 23.91 -18.87 -24.13
N ILE A 79 22.86 -18.28 -23.57
CA ILE A 79 22.41 -16.95 -23.99
C ILE A 79 23.50 -15.91 -23.72
N ALA A 80 24.08 -15.97 -22.51
CA ALA A 80 25.19 -15.09 -22.16
C ALA A 80 26.32 -15.18 -23.18
N GLN A 81 26.82 -16.40 -23.41
CA GLN A 81 27.91 -16.61 -24.34
C GLN A 81 27.60 -15.99 -25.69
N ASN A 82 26.41 -16.23 -26.21
CA ASN A 82 26.11 -15.78 -27.56
C ASN A 82 25.86 -14.28 -27.65
N ARG A 83 25.79 -13.56 -26.53
CA ARG A 83 25.62 -12.12 -26.54
C ARG A 83 26.87 -11.37 -26.07
N GLY A 84 27.99 -12.07 -25.93
CA GLY A 84 29.25 -11.44 -25.60
C GLY A 84 29.62 -11.39 -24.13
N LEU A 85 28.84 -12.02 -23.24
CA LEU A 85 29.10 -12.01 -21.81
C LEU A 85 29.67 -13.34 -21.35
N ASP A 86 30.38 -13.31 -20.21
CA ASP A 86 30.96 -14.52 -19.63
C ASP A 86 29.88 -15.39 -18.99
N PRO A 87 29.76 -16.66 -19.36
CA PRO A 87 28.62 -17.46 -18.88
C PRO A 87 28.60 -17.66 -17.37
N ASP A 88 29.75 -17.89 -16.75
CA ASP A 88 29.75 -18.15 -15.32
C ASP A 88 29.54 -16.86 -14.51
N GLU A 89 30.10 -15.74 -14.97
CA GLU A 89 29.84 -14.48 -14.28
C GLU A 89 28.35 -14.14 -14.32
N VAL A 90 27.74 -14.28 -15.50
CA VAL A 90 26.30 -14.04 -15.61
C VAL A 90 25.53 -14.92 -14.65
N LEU A 91 25.84 -16.22 -14.62
CA LEU A 91 25.15 -17.14 -13.71
C LEU A 91 25.33 -16.70 -12.26
N LYS A 92 26.52 -16.18 -11.93
CA LYS A 92 26.86 -15.84 -10.54
C LYS A 92 25.99 -14.71 -10.00
N HIS A 93 25.48 -13.85 -10.87
CA HIS A 93 24.71 -12.70 -10.45
C HIS A 93 23.21 -12.97 -10.46
N ILE A 94 22.81 -14.24 -10.45
CA ILE A 94 21.41 -14.64 -10.35
C ILE A 94 21.25 -15.42 -9.05
N ALA A 95 20.41 -14.91 -8.15
CA ALA A 95 20.01 -15.67 -6.98
C ALA A 95 18.77 -16.50 -7.31
N TYR A 96 18.73 -17.74 -6.82
CA TYR A 96 17.71 -18.70 -7.24
C TYR A 96 17.02 -19.33 -6.04
N ALA A 97 15.69 -19.44 -6.11
CA ALA A 97 14.93 -20.15 -5.08
C ALA A 97 13.81 -20.96 -5.71
N ARG A 98 13.58 -22.17 -5.17
CA ARG A 98 12.43 -23.00 -5.55
C ARG A 98 11.33 -22.85 -4.49
N ALA A 99 10.18 -22.33 -4.90
CA ALA A 99 9.07 -22.19 -3.97
C ALA A 99 8.38 -23.54 -3.80
N PHE A 100 8.32 -24.02 -2.56
CA PHE A 100 7.70 -25.30 -2.25
C PHE A 100 6.17 -25.24 -2.36
N ASN A 101 5.58 -24.12 -1.97
CA ASN A 101 4.13 -23.89 -2.06
C ASN A 101 3.89 -22.39 -2.12
N SER A 102 2.63 -21.98 -2.21
CA SER A 102 2.31 -20.55 -2.29
C SER A 102 2.73 -19.80 -1.04
N ASN A 103 2.68 -20.44 0.13
CA ASN A 103 3.07 -19.75 1.36
C ASN A 103 4.59 -19.58 1.43
N HIS A 104 5.33 -20.60 1.01
CA HIS A 104 6.77 -20.46 0.85
C HIS A 104 7.10 -19.38 -0.18
N GLN A 105 6.35 -19.37 -1.29
CA GLN A 105 6.54 -18.37 -2.32
C GLN A 105 6.41 -16.96 -1.77
N MET A 106 5.46 -16.75 -0.85
CA MET A 106 5.24 -15.42 -0.30
C MET A 106 6.36 -15.02 0.66
N LEU A 107 6.90 -15.99 1.41
CA LEU A 107 7.98 -15.67 2.33
C LEU A 107 9.28 -15.38 1.58
N LEU A 108 9.55 -16.12 0.49
CA LEU A 108 10.75 -15.88 -0.32
C LEU A 108 10.80 -14.45 -0.88
N VAL A 109 9.65 -13.87 -1.23
CA VAL A 109 9.65 -12.48 -1.71
C VAL A 109 10.02 -11.52 -0.57
N GLN A 110 9.45 -11.73 0.61
CA GLN A 110 9.79 -10.90 1.77
C GLN A 110 11.27 -11.06 2.13
N GLN A 111 11.76 -12.31 2.09
CA GLN A 111 13.17 -12.56 2.39
C GLN A 111 14.09 -11.92 1.34
N ALA A 112 13.58 -11.73 0.12
CA ALA A 112 14.39 -11.13 -0.94
C ALA A 112 14.81 -9.71 -0.61
N GLU A 113 14.01 -8.98 0.20
CA GLU A 113 14.34 -7.58 0.50
C GLU A 113 15.72 -7.45 1.14
N ASP A 114 16.19 -8.48 1.86
CA ASP A 114 17.49 -8.38 2.51
C ASP A 114 18.63 -8.32 1.50
N MET A 115 18.63 -9.22 0.51
CA MET A 115 19.68 -9.18 -0.50
C MET A 115 19.57 -7.93 -1.36
N ILE A 116 18.34 -7.49 -1.63
CA ILE A 116 18.14 -6.26 -2.37
C ILE A 116 18.80 -5.08 -1.66
N LYS A 117 18.56 -4.94 -0.35
CA LYS A 117 19.26 -3.90 0.41
C LYS A 117 20.76 -4.11 0.38
N GLU A 118 21.20 -5.36 0.41
CA GLU A 118 22.62 -5.67 0.48
C GLU A 118 23.36 -5.16 -0.76
N LEU A 119 22.77 -5.35 -1.92
CA LEU A 119 23.42 -5.04 -3.19
C LEU A 119 23.11 -3.63 -3.70
N LEU A 120 22.28 -2.87 -2.97
CA LEU A 120 21.63 -1.67 -3.51
C LEU A 120 22.65 -0.67 -4.03
N ASN A 121 23.63 -0.31 -3.22
CA ASN A 121 24.63 0.68 -3.62
C ASN A 121 25.97 0.03 -3.98
N THR A 122 25.93 -1.21 -4.46
CA THR A 122 27.06 -1.80 -5.16
C THR A 122 26.95 -1.46 -6.65
N ASP A 123 27.91 -1.94 -7.45
CA ASP A 123 27.85 -1.66 -8.88
C ASP A 123 26.86 -2.55 -9.63
N ARG A 124 26.31 -3.58 -8.99
CA ARG A 124 25.35 -4.50 -9.60
CA ARG A 124 25.33 -4.48 -9.61
C ARG A 124 24.13 -4.69 -8.70
N PRO A 125 23.38 -3.62 -8.43
CA PRO A 125 22.18 -3.79 -7.60
C PRO A 125 21.18 -4.70 -8.30
N VAL A 126 20.31 -5.31 -7.50
CA VAL A 126 19.23 -6.10 -8.08
C VAL A 126 18.34 -5.20 -8.93
N LYS A 127 18.14 -5.59 -10.20
CA LYS A 127 17.29 -4.84 -11.11
C LYS A 127 16.16 -5.67 -11.70
N LEU A 128 16.19 -7.00 -11.54
CA LEU A 128 15.17 -7.89 -12.09
C LEU A 128 14.76 -8.91 -11.04
N LEU A 129 13.46 -9.04 -10.80
CA LEU A 129 12.90 -10.08 -9.94
C LEU A 129 11.91 -10.88 -10.76
N ILE A 130 12.19 -12.17 -10.96
CA ILE A 130 11.36 -13.07 -11.76
C ILE A 130 10.59 -14.01 -10.84
N VAL A 131 9.31 -14.20 -11.15
CA VAL A 131 8.48 -15.22 -10.50
C VAL A 131 7.88 -16.10 -11.61
N ASP A 132 8.30 -17.35 -11.67
CA ASP A 132 7.90 -18.30 -12.73
C ASP A 132 7.66 -19.69 -12.11
N SER A 133 6.40 -20.08 -11.85
CA SER A 133 5.17 -19.40 -12.25
C SER A 133 4.51 -18.63 -11.10
N LEU A 134 3.98 -17.45 -11.40
CA LEU A 134 3.34 -16.64 -10.37
C LEU A 134 2.12 -17.35 -9.76
N THR A 135 1.39 -18.10 -10.56
CA THR A 135 0.05 -18.55 -10.19
C THR A 135 -0.09 -20.06 -9.99
N SER A 136 0.89 -20.86 -10.41
CA SER A 136 0.69 -22.31 -10.43
C SER A 136 0.39 -22.86 -9.03
N HIS A 137 1.04 -22.35 -7.98
CA HIS A 137 0.77 -22.86 -6.64
C HIS A 137 -0.60 -22.42 -6.15
N PHE A 138 -0.96 -21.16 -6.40
CA PHE A 138 -2.25 -20.69 -5.97
C PHE A 138 -3.37 -21.44 -6.67
N ARG A 139 -3.15 -21.84 -7.93
CA ARG A 139 -4.17 -22.57 -8.67
C ARG A 139 -4.40 -23.97 -8.08
N SER A 140 -3.34 -24.63 -7.62
CA SER A 140 -3.51 -25.98 -7.10
C SER A 140 -4.02 -25.99 -5.66
N GLU A 141 -3.68 -24.97 -4.87
CA GLU A 141 -4.01 -24.93 -3.45
C GLU A 141 -5.38 -24.34 -3.15
N TYR A 142 -5.82 -23.35 -3.93
CA TYR A 142 -7.05 -22.62 -3.67
C TYR A 142 -8.03 -22.98 -4.79
N ILE A 143 -8.93 -23.91 -4.50
CA ILE A 143 -9.73 -24.58 -5.53
C ILE A 143 -11.03 -25.02 -4.91
N GLY A 144 -12.13 -24.84 -5.64
CA GLY A 144 -13.45 -25.25 -5.19
C GLY A 144 -14.30 -24.05 -4.77
N ARG A 145 -15.45 -24.37 -4.21
CA ARG A 145 -16.41 -23.35 -3.78
C ARG A 145 -15.79 -22.41 -2.75
N GLY A 146 -15.93 -21.10 -2.99
CA GLY A 146 -15.34 -20.09 -2.12
C GLY A 146 -13.88 -19.78 -2.39
N ALA A 147 -13.21 -20.56 -3.24
CA ALA A 147 -11.79 -20.34 -3.47
C ALA A 147 -11.51 -19.17 -4.39
N LEU A 148 -12.47 -18.78 -5.25
CA LEU A 148 -12.23 -17.66 -6.14
C LEU A 148 -11.86 -16.39 -5.37
N ALA A 149 -12.67 -16.03 -4.36
CA ALA A 149 -12.38 -14.82 -3.59
C ALA A 149 -11.12 -14.99 -2.74
N GLU A 150 -11.01 -16.13 -2.05
CA GLU A 150 -9.86 -16.36 -1.19
C GLU A 150 -8.55 -16.40 -1.96
N ARG A 151 -8.55 -17.01 -3.15
CA ARG A 151 -7.34 -17.06 -3.98
C ARG A 151 -6.96 -15.68 -4.50
N GLN A 152 -7.95 -14.92 -4.98
CA GLN A 152 -7.66 -13.59 -5.49
C GLN A 152 -7.16 -12.66 -4.39
N GLN A 153 -7.59 -12.89 -3.14
CA GLN A 153 -7.12 -12.08 -2.02
C GLN A 153 -5.65 -12.35 -1.70
N LYS A 154 -5.29 -13.63 -1.53
CA LYS A 154 -3.89 -13.97 -1.25
C LYS A 154 -2.99 -13.56 -2.40
N LEU A 155 -3.46 -13.71 -3.64
CA LEU A 155 -2.68 -13.30 -4.79
C LEU A 155 -2.50 -11.80 -4.84
N ALA A 156 -3.54 -11.05 -4.47
CA ALA A 156 -3.43 -9.59 -4.40
C ALA A 156 -2.38 -9.16 -3.38
N LYS A 157 -2.32 -9.83 -2.22
CA LYS A 157 -1.33 -9.46 -1.22
C LYS A 157 0.08 -9.78 -1.71
N HIS A 158 0.25 -10.97 -2.31
CA HIS A 158 1.55 -11.33 -2.90
C HIS A 158 1.99 -10.29 -3.91
N LEU A 159 1.06 -9.83 -4.76
CA LEU A 159 1.39 -8.84 -5.78
C LEU A 159 1.69 -7.49 -5.15
N ALA A 160 1.00 -7.15 -4.07
CA ALA A 160 1.30 -5.93 -3.34
C ALA A 160 2.72 -5.93 -2.81
N ASP A 161 3.16 -7.07 -2.27
CA ASP A 161 4.53 -7.20 -1.80
C ASP A 161 5.52 -6.95 -2.94
N LEU A 162 5.21 -7.48 -4.13
CA LEU A 162 6.08 -7.31 -5.29
C LEU A 162 6.09 -5.86 -5.79
N HIS A 163 4.92 -5.21 -5.83
CA HIS A 163 4.87 -3.81 -6.21
C HIS A 163 5.74 -2.95 -5.29
N ARG A 164 5.65 -3.20 -3.98
CA ARG A 164 6.43 -2.41 -3.03
C ARG A 164 7.93 -2.55 -3.29
N LEU A 165 8.40 -3.78 -3.51
CA LEU A 165 9.82 -3.97 -3.80
C LEU A 165 10.21 -3.28 -5.10
N ALA A 166 9.35 -3.40 -6.13
CA ALA A 166 9.64 -2.74 -7.40
C ALA A 166 9.79 -1.23 -7.25
N ASN A 167 8.91 -0.60 -6.47
CA ASN A 167 8.90 0.86 -6.36
C ASN A 167 9.92 1.37 -5.34
N LEU A 168 10.08 0.67 -4.23
CA LEU A 168 11.02 1.12 -3.20
C LEU A 168 12.45 1.07 -3.71
N TYR A 169 12.78 0.03 -4.48
CA TYR A 169 14.17 -0.25 -4.83
C TYR A 169 14.44 -0.14 -6.33
N ASP A 170 13.48 0.32 -7.12
CA ASP A 170 13.67 0.58 -8.56
C ASP A 170 14.04 -0.71 -9.29
N ILE A 171 13.17 -1.70 -9.17
CA ILE A 171 13.35 -3.02 -9.74
C ILE A 171 12.22 -3.30 -10.72
N ALA A 172 12.55 -4.02 -11.79
CA ALA A 172 11.56 -4.56 -12.69
C ALA A 172 11.18 -5.96 -12.22
N VAL A 173 9.88 -6.18 -12.02
CA VAL A 173 9.35 -7.49 -11.68
C VAL A 173 8.69 -8.09 -12.92
N PHE A 174 9.01 -9.34 -13.22
CA PHE A 174 8.50 -10.01 -14.41
C PHE A 174 7.94 -11.36 -13.98
N VAL A 175 6.67 -11.62 -14.29
CA VAL A 175 5.99 -12.82 -13.83
C VAL A 175 5.32 -13.52 -15.00
N THR A 176 5.23 -14.85 -14.93
CA THR A 176 4.56 -15.65 -15.93
C THR A 176 3.28 -16.25 -15.35
N ASN A 177 2.35 -16.57 -16.25
CA ASN A 177 1.04 -17.10 -15.84
C ASN A 177 0.51 -17.95 -16.98
N GLN A 178 0.18 -19.21 -16.68
CA GLN A 178 -0.27 -20.15 -17.71
C GLN A 178 -1.78 -20.08 -17.89
N VAL A 179 -2.21 -19.86 -19.12
CA VAL A 179 -3.62 -19.68 -19.45
C VAL A 179 -3.97 -20.64 -20.56
N LEU A 187 -11.18 -13.26 -14.60
CA LEU A 187 -10.47 -12.94 -13.36
C LEU A 187 -9.79 -11.58 -13.44
N ALA A 188 -9.85 -10.85 -12.32
CA ALA A 188 -9.12 -9.59 -12.21
C ALA A 188 -7.63 -9.86 -12.10
N HIS A 189 -6.82 -8.91 -12.59
CA HIS A 189 -5.37 -9.00 -12.57
C HIS A 189 -4.78 -7.69 -12.06
N SER A 190 -3.67 -7.79 -11.32
CA SER A 190 -3.08 -6.64 -10.65
C SER A 190 -1.80 -6.12 -11.32
N ALA A 191 -1.27 -6.82 -12.32
CA ALA A 191 0.00 -6.41 -12.92
C ALA A 191 -0.12 -5.02 -13.56
N THR A 192 1.03 -4.35 -13.67
CA THR A 192 1.11 -3.06 -14.36
C THR A 192 0.79 -3.21 -15.84
N LEU A 193 1.37 -4.23 -16.47
CA LEU A 193 1.26 -4.47 -17.90
C LEU A 193 1.12 -5.96 -18.14
N ARG A 194 0.23 -6.36 -19.06
CA ARG A 194 0.01 -7.76 -19.39
CA ARG A 194 0.01 -7.77 -19.39
C ARG A 194 0.32 -8.00 -20.87
N VAL A 195 1.14 -9.02 -21.14
CA VAL A 195 1.59 -9.36 -22.50
C VAL A 195 1.09 -10.77 -22.83
N TYR A 196 0.32 -10.89 -23.91
CA TYR A 196 -0.19 -12.18 -24.37
C TYR A 196 0.80 -12.82 -25.34
N LEU A 197 1.25 -14.03 -25.04
CA LEU A 197 2.25 -14.72 -25.85
C LEU A 197 1.68 -16.02 -26.43
N ARG A 198 1.99 -16.30 -27.70
CA ARG A 198 1.49 -17.51 -28.34
C ARG A 198 2.45 -17.98 -29.41
N LYS A 199 2.36 -19.28 -29.72
CA LYS A 199 3.13 -19.86 -30.81
C LYS A 199 2.49 -19.52 -32.14
N GLY A 200 3.31 -19.33 -33.17
CA GLY A 200 2.84 -19.13 -34.51
C GLY A 200 3.31 -20.24 -35.43
N LYS A 201 2.82 -20.19 -36.66
CA LYS A 201 3.30 -21.07 -37.72
C LYS A 201 4.80 -20.88 -37.93
N GLY A 202 5.47 -21.97 -38.31
CA GLY A 202 6.87 -21.90 -38.70
C GLY A 202 7.80 -21.52 -37.57
N GLY A 203 7.47 -21.90 -36.33
CA GLY A 203 8.34 -21.65 -35.21
C GLY A 203 8.39 -20.22 -34.73
N LYS A 204 7.37 -19.42 -35.05
CA LYS A 204 7.36 -18.03 -34.60
C LYS A 204 6.65 -17.92 -33.26
N ARG A 205 6.98 -16.86 -32.53
CA ARG A 205 6.26 -16.49 -31.31
C ARG A 205 5.70 -15.10 -31.49
N ILE A 206 4.48 -14.87 -31.02
CA ILE A 206 3.75 -13.62 -31.26
C ILE A 206 3.31 -13.05 -29.92
N ALA A 207 3.68 -11.80 -29.65
CA ALA A 207 3.30 -11.10 -28.43
C ALA A 207 2.38 -9.92 -28.74
N ARG A 208 1.46 -9.63 -27.80
CA ARG A 208 0.52 -8.52 -27.93
C ARG A 208 0.19 -7.96 -26.55
N LEU A 209 0.04 -6.65 -26.45
CA LEU A 209 -0.40 -6.03 -25.20
C LEU A 209 -1.91 -6.19 -25.00
N ILE A 210 -2.31 -6.50 -23.77
CA ILE A 210 -3.71 -6.75 -23.43
C ILE A 210 -4.22 -5.61 -22.58
N ASP A 211 -5.42 -5.12 -22.92
CA ASP A 211 -6.13 -4.10 -22.14
C ASP A 211 -5.21 -2.94 -21.76
N ALA A 212 -4.44 -2.48 -22.76
CA ALA A 212 -3.53 -1.34 -22.61
C ALA A 212 -3.85 -0.35 -23.71
N PRO A 213 -4.96 0.39 -23.57
CA PRO A 213 -5.43 1.32 -24.61
C PRO A 213 -4.38 2.39 -24.97
N LEU A 215 0.56 1.18 -24.63
CA LEU A 215 -0.06 1.98 -25.70
C LEU A 215 -0.05 1.31 -27.08
N PRO A 216 1.14 0.99 -27.62
CA PRO A 216 1.22 0.61 -29.04
C PRO A 216 0.30 -0.56 -29.36
N GLU A 217 -0.45 -0.42 -30.44
CA GLU A 217 -1.24 -1.50 -31.00
C GLU A 217 -0.40 -2.23 -32.04
N GLY A 218 -0.69 -3.51 -32.20
CA GLY A 218 0.08 -4.38 -33.07
C GLY A 218 0.62 -5.57 -32.32
N GLU A 219 1.33 -6.41 -33.05
CA GLU A 219 1.91 -7.62 -32.49
C GLU A 219 3.37 -7.73 -32.92
N ALA A 220 4.20 -8.21 -32.01
CA ALA A 220 5.62 -8.46 -32.25
C ALA A 220 5.82 -9.94 -32.55
N VAL A 221 6.70 -10.24 -33.50
CA VAL A 221 6.96 -11.62 -33.92
C VAL A 221 8.45 -11.88 -33.84
N PHE A 222 8.83 -12.92 -33.08
CA PHE A 222 10.23 -13.21 -32.86
C PHE A 222 10.41 -14.73 -32.83
N SER A 223 11.67 -15.16 -32.77
CA SER A 223 12.03 -16.57 -32.71
C SER A 223 12.86 -16.81 -31.45
N ILE A 224 12.89 -18.07 -31.02
CA ILE A 224 13.71 -18.49 -29.88
C ILE A 224 15.00 -19.05 -30.44
N THR A 225 16.13 -18.44 -30.06
CA THR A 225 17.40 -18.81 -30.66
C THR A 225 18.49 -19.07 -29.61
N GLU A 226 19.72 -19.33 -30.08
CA GLU A 226 20.84 -19.45 -29.16
C GLU A 226 21.15 -18.13 -28.45
N LYS A 227 20.60 -17.01 -28.91
CA LYS A 227 20.69 -15.75 -28.18
C LYS A 227 19.48 -15.49 -27.29
N GLY A 228 18.60 -16.47 -27.11
CA GLY A 228 17.44 -16.26 -26.27
C GLY A 228 16.23 -16.02 -27.15
N ILE A 229 15.92 -14.76 -27.42
CA ILE A 229 14.95 -14.44 -28.47
C ILE A 229 15.51 -13.32 -29.34
N GLU A 230 15.06 -13.30 -30.60
CA GLU A 230 15.40 -12.21 -31.51
C GLU A 230 14.44 -12.21 -32.68
N ASP A 231 14.28 -11.04 -33.28
CA ASP A 231 13.42 -10.88 -34.47
C ASP A 231 14.08 -11.40 -35.74
N ALA B 2 -10.21 32.53 23.00
CA ALA B 2 -11.04 31.35 23.16
C ALA B 2 -10.43 30.39 24.19
N THR B 3 -11.17 30.14 25.26
CA THR B 3 -10.79 29.09 26.19
C THR B 3 -10.97 27.72 25.54
N ILE B 4 -10.13 26.77 25.96
CA ILE B 4 -10.15 25.42 25.38
C ILE B 4 -11.42 24.69 25.80
N GLY B 5 -11.94 23.85 24.91
CA GLY B 5 -12.99 22.93 25.31
C GLY B 5 -12.44 21.51 25.41
N ARG B 6 -13.14 20.61 26.11
CA ARG B 6 -12.64 19.24 26.30
CA ARG B 6 -12.64 19.24 26.26
C ARG B 6 -13.76 18.23 26.04
N ILE B 7 -13.51 17.27 25.15
CA ILE B 7 -14.48 16.25 24.79
C ILE B 7 -14.16 14.97 25.56
N SER B 8 -15.12 14.49 26.35
CA SER B 8 -14.92 13.23 27.06
C SER B 8 -14.82 12.06 26.08
N THR B 9 -13.97 11.09 26.40
CA THR B 9 -13.75 9.92 25.55
C THR B 9 -14.74 8.80 25.81
N GLY B 10 -15.56 8.89 26.85
CA GLY B 10 -16.34 7.78 27.32
C GLY B 10 -15.67 6.96 28.40
N SER B 11 -14.34 7.03 28.49
CA SER B 11 -13.58 6.36 29.54
C SER B 11 -13.12 7.39 30.56
N LYS B 12 -13.52 7.20 31.82
CA LYS B 12 -13.12 8.15 32.85
C LYS B 12 -11.63 8.11 33.10
N SER B 13 -11.00 6.94 32.98
CA SER B 13 -9.56 6.85 33.20
C SER B 13 -8.80 7.52 32.07
N LEU B 14 -9.22 7.30 30.83
CA LEU B 14 -8.58 8.00 29.72
C LEU B 14 -8.77 9.51 29.84
N ASP B 15 -9.99 9.95 30.17
CA ASP B 15 -10.25 11.38 30.41
C ASP B 15 -9.29 11.95 31.46
N LYS B 16 -9.09 11.23 32.56
CA LYS B 16 -8.16 11.70 33.59
C LYS B 16 -6.73 11.78 33.04
N LEU B 17 -6.32 10.77 32.29
CA LEU B 17 -5.02 10.82 31.63
C LEU B 17 -4.89 12.08 30.78
N LEU B 18 -5.99 12.48 30.11
CA LEU B 18 -5.98 13.61 29.18
C LEU B 18 -6.24 14.96 29.84
N GLY B 19 -6.33 15.01 31.17
CA GLY B 19 -6.68 16.27 31.81
C GLY B 19 -8.11 16.69 31.66
N GLY B 20 -9.00 15.78 31.24
CA GLY B 20 -10.41 16.08 31.18
C GLY B 20 -11.09 15.61 29.91
N GLY B 21 -10.30 15.33 28.88
CA GLY B 21 -10.81 14.90 27.58
C GLY B 21 -9.90 15.44 26.49
N ILE B 22 -10.25 15.12 25.25
CA ILE B 22 -9.46 15.64 24.13
C ILE B 22 -9.75 17.12 23.95
N GLU B 23 -8.72 17.89 23.64
CA GLU B 23 -8.85 19.35 23.67
C GLU B 23 -9.17 19.92 22.29
N THR B 24 -9.92 21.01 22.27
CA THR B 24 -9.96 21.86 21.09
C THR B 24 -8.65 22.65 20.98
N GLN B 25 -8.41 23.25 19.80
CA GLN B 25 -7.19 24.02 19.50
C GLN B 25 -5.95 23.14 19.63
N ALA B 26 -6.09 21.88 19.23
CA ALA B 26 -5.05 20.89 19.45
C ALA B 26 -5.29 19.76 18.47
N ILE B 27 -4.21 19.06 18.13
CA ILE B 27 -4.25 17.84 17.34
C ILE B 27 -3.87 16.69 18.27
N THR B 28 -4.82 15.79 18.54
CA THR B 28 -4.55 14.58 19.33
C THR B 28 -4.37 13.40 18.37
N GLU B 29 -3.22 12.73 18.46
CA GLU B 29 -2.92 11.58 17.62
C GLU B 29 -2.97 10.34 18.49
N VAL B 30 -3.76 9.34 18.07
CA VAL B 30 -3.71 8.02 18.69
C VAL B 30 -2.96 7.09 17.74
N PHE B 31 -1.97 6.37 18.26
CA PHE B 31 -1.22 5.44 17.44
C PHE B 31 -1.12 4.08 18.10
N GLY B 32 -0.99 3.06 17.26
CA GLY B 32 -0.86 1.70 17.74
C GLY B 32 -0.93 0.74 16.58
N GLU B 33 -0.78 -0.54 16.91
CA GLU B 33 -0.81 -1.55 15.86
C GLU B 33 -2.22 -1.76 15.35
N PHE B 34 -2.31 -2.45 14.22
CA PHE B 34 -3.59 -2.88 13.66
C PHE B 34 -4.40 -3.62 14.72
N GLY B 35 -5.69 -3.27 14.83
CA GLY B 35 -6.59 -3.94 15.73
C GLY B 35 -6.57 -3.47 17.17
N SER B 36 -5.92 -2.34 17.46
CA SER B 36 -5.82 -1.87 18.84
C SER B 36 -7.02 -1.05 19.28
N GLY B 37 -7.88 -0.60 18.36
CA GLY B 37 -9.08 0.15 18.71
C GLY B 37 -9.07 1.63 18.37
N LYS B 38 -8.14 2.08 17.53
CA LYS B 38 -8.09 3.52 17.19
C LYS B 38 -9.38 3.98 16.54
N THR B 39 -9.94 3.15 15.66
CA THR B 39 -11.14 3.55 14.95
C THR B 39 -12.37 3.49 15.86
N GLN B 40 -12.35 2.62 16.88
CA GLN B 40 -13.43 2.61 17.85
C GLN B 40 -13.41 3.87 18.70
N LEU B 41 -12.22 4.35 19.09
CA LEU B 41 -12.14 5.62 19.78
C LEU B 41 -12.65 6.77 18.93
N ALA B 42 -12.33 6.77 17.62
CA ALA B 42 -12.84 7.79 16.70
C ALA B 42 -14.36 7.78 16.62
N HIS B 43 -14.97 6.60 16.42
CA HIS B 43 -16.44 6.54 16.40
C HIS B 43 -17.02 7.05 17.72
N THR B 44 -16.39 6.69 18.84
CA THR B 44 -16.92 7.10 20.13
C THR B 44 -16.89 8.62 20.27
N LEU B 45 -15.78 9.25 19.87
CA LEU B 45 -15.69 10.71 19.99
C LEU B 45 -16.69 11.41 19.08
N ALA B 46 -16.96 10.85 17.89
CA ALA B 46 -17.92 11.45 16.96
C ALA B 46 -19.33 11.55 17.58
N VAL B 47 -19.64 10.67 18.54
CA VAL B 47 -20.88 10.76 19.29
C VAL B 47 -20.71 11.64 20.53
N MET B 48 -19.67 11.41 21.35
CA MET B 48 -19.55 12.15 22.61
C MET B 48 -19.54 13.66 22.39
N VAL B 49 -18.92 14.14 21.30
CA VAL B 49 -18.85 15.57 21.07
C VAL B 49 -20.24 16.18 20.87
N GLN B 50 -21.23 15.39 20.44
CA GLN B 50 -22.56 15.94 20.23
C GLN B 50 -23.34 16.07 21.53
N LEU B 51 -22.82 15.55 22.64
CA LEU B 51 -23.47 15.68 23.93
C LEU B 51 -23.41 17.13 24.42
N PRO B 52 -24.30 17.52 25.33
CA PRO B 52 -24.19 18.84 25.97
C PRO B 52 -22.96 18.89 26.86
N PRO B 53 -22.46 20.09 27.18
CA PRO B 53 -21.23 20.19 27.98
C PRO B 53 -21.28 19.52 29.34
N GLU B 54 -22.42 19.58 30.06
CA GLU B 54 -22.47 18.93 31.36
C GLU B 54 -22.42 17.41 31.26
N GLU B 55 -22.58 16.84 30.06
CA GLU B 55 -22.43 15.41 29.86
C GLU B 55 -21.13 15.07 29.13
N GLY B 56 -20.23 16.04 28.96
CA GLY B 56 -18.92 15.79 28.42
C GLY B 56 -18.73 16.12 26.96
N GLY B 57 -19.75 16.67 26.29
CA GLY B 57 -19.62 17.05 24.90
C GLY B 57 -19.51 18.55 24.73
N LEU B 58 -19.64 18.98 23.48
CA LEU B 58 -19.54 20.40 23.11
C LEU B 58 -20.71 20.85 22.23
N ASN B 59 -21.83 20.11 22.24
CA ASN B 59 -22.93 20.34 21.31
C ASN B 59 -22.45 20.50 19.87
N GLY B 60 -21.40 19.76 19.47
CA GLY B 60 -20.69 20.03 18.24
C GLY B 60 -21.11 19.21 17.03
N SER B 61 -20.79 19.75 15.86
CA SER B 61 -20.86 19.00 14.61
C SER B 61 -19.52 18.31 14.34
N VAL B 62 -19.55 17.31 13.43
CA VAL B 62 -18.39 16.49 13.17
C VAL B 62 -18.06 16.50 11.68
N MET B 63 -16.78 16.43 11.36
CA MET B 63 -16.30 16.20 9.99
C MET B 63 -15.27 15.07 10.01
N TRP B 64 -15.46 14.08 9.14
CA TRP B 64 -14.70 12.83 9.20
C TRP B 64 -14.09 12.54 7.84
N ILE B 65 -12.76 12.48 7.78
CA ILE B 65 -12.04 12.04 6.57
C ILE B 65 -11.56 10.61 6.77
N ASP B 66 -11.98 9.72 5.87
CA ASP B 66 -11.69 8.29 5.91
C ASP B 66 -10.70 7.97 4.80
N THR B 67 -9.63 7.24 5.13
CA THR B 67 -8.70 6.79 4.10
C THR B 67 -8.69 5.29 3.90
N GLU B 68 -9.39 4.53 4.75
CA GLU B 68 -9.37 3.07 4.70
C GLU B 68 -10.77 2.46 4.65
N ASN B 69 -11.80 3.27 4.41
CA ASN B 69 -13.19 2.80 4.34
C ASN B 69 -13.60 2.10 5.64
N THR B 70 -13.24 2.67 6.78
CA THR B 70 -13.54 2.05 8.07
C THR B 70 -14.63 2.76 8.86
N PHE B 71 -15.20 3.85 8.36
CA PHE B 71 -16.34 4.50 9.00
C PHE B 71 -17.58 3.62 8.89
N ARG B 72 -18.26 3.41 10.01
CA ARG B 72 -19.43 2.54 10.04
C ARG B 72 -20.64 3.30 10.59
N PRO B 73 -21.59 3.71 9.73
CA PRO B 73 -22.74 4.46 10.24
C PRO B 73 -23.55 3.71 11.29
N GLU B 74 -23.66 2.39 11.17
CA GLU B 74 -24.49 1.68 12.15
C GLU B 74 -23.79 1.52 13.48
N ARG B 75 -22.46 1.63 13.50
CA ARG B 75 -21.74 1.72 14.76
C ARG B 75 -21.99 3.06 15.45
N ILE B 76 -22.05 4.14 14.66
CA ILE B 76 -22.42 5.45 15.20
C ILE B 76 -23.80 5.39 15.85
N ARG B 77 -24.77 4.78 15.14
CA ARG B 77 -26.13 4.72 15.66
C ARG B 77 -26.21 3.93 16.96
N GLU B 78 -25.42 2.87 17.07
CA GLU B 78 -25.44 2.04 18.28
C GLU B 78 -24.90 2.79 19.48
N ILE B 79 -23.77 3.47 19.31
CA ILE B 79 -23.21 4.24 20.40
C ILE B 79 -24.18 5.34 20.82
N ALA B 80 -24.71 6.08 19.85
CA ALA B 80 -25.67 7.13 20.17
C ALA B 80 -26.86 6.58 20.95
N GLN B 81 -27.44 5.47 20.47
CA GLN B 81 -28.58 4.86 21.14
C GLN B 81 -28.28 4.54 22.60
N ASN B 82 -27.06 4.16 22.89
CA ASN B 82 -26.70 3.76 24.26
C ASN B 82 -26.10 4.90 25.06
N ARG B 83 -26.01 6.10 24.50
CA ARG B 83 -25.50 7.27 25.18
C ARG B 83 -26.57 8.32 25.42
N GLY B 84 -27.82 8.01 25.12
CA GLY B 84 -28.93 8.93 25.35
C GLY B 84 -29.25 9.90 24.24
N LEU B 85 -28.70 9.70 23.03
CA LEU B 85 -28.94 10.61 21.92
C LEU B 85 -29.81 9.96 20.86
N ASP B 86 -30.37 10.79 19.98
CA ASP B 86 -31.15 10.29 18.85
C ASP B 86 -30.20 9.82 17.74
N PRO B 87 -30.24 8.55 17.34
CA PRO B 87 -29.27 8.07 16.34
C PRO B 87 -29.32 8.80 15.01
N ASP B 88 -30.51 9.23 14.58
CA ASP B 88 -30.63 9.91 13.28
C ASP B 88 -30.07 11.32 13.33
N GLU B 89 -30.29 12.03 14.43
CA GLU B 89 -29.70 13.37 14.55
C GLU B 89 -28.19 13.29 14.61
N VAL B 90 -27.65 12.24 15.26
CA VAL B 90 -26.21 12.13 15.42
C VAL B 90 -25.52 11.90 14.08
N LEU B 91 -26.10 11.05 13.23
CA LEU B 91 -25.52 10.86 11.89
C LEU B 91 -25.66 12.10 11.03
N LYS B 92 -26.80 12.79 11.10
CA LYS B 92 -27.00 14.00 10.30
C LYS B 92 -25.98 15.07 10.61
N HIS B 93 -25.36 15.04 11.78
CA HIS B 93 -24.41 16.06 12.16
C HIS B 93 -22.96 15.61 11.95
N ILE B 94 -22.75 14.56 11.16
CA ILE B 94 -21.41 14.13 10.73
C ILE B 94 -21.32 14.30 9.22
N ALA B 95 -20.42 15.18 8.78
CA ALA B 95 -20.01 15.25 7.38
C ALA B 95 -18.92 14.22 7.12
N TYR B 96 -19.02 13.53 5.97
CA TYR B 96 -18.16 12.38 5.69
C TYR B 96 -17.50 12.53 4.33
N ALA B 97 -16.20 12.26 4.25
CA ALA B 97 -15.48 12.26 2.98
C ALA B 97 -14.50 11.11 2.93
N ARG B 98 -14.44 10.45 1.78
CA ARG B 98 -13.46 9.39 1.53
CA ARG B 98 -13.46 9.39 1.53
C ARG B 98 -12.30 9.97 0.72
N ALA B 99 -11.10 9.93 1.30
CA ALA B 99 -9.94 10.47 0.61
C ALA B 99 -9.41 9.42 -0.36
N PHE B 100 -9.32 9.80 -1.64
CA PHE B 100 -8.87 8.88 -2.68
C PHE B 100 -7.37 8.64 -2.61
N ASN B 101 -6.60 9.68 -2.29
CA ASN B 101 -5.14 9.58 -2.13
C ASN B 101 -4.71 10.75 -1.24
N SER B 102 -3.39 10.90 -1.06
CA SER B 102 -2.94 11.90 -0.10
C SER B 102 -3.14 13.33 -0.60
N ASN B 103 -3.11 13.54 -1.91
CA ASN B 103 -3.36 14.88 -2.44
C ASN B 103 -4.83 15.25 -2.33
N HIS B 104 -5.71 14.27 -2.55
CA HIS B 104 -7.13 14.48 -2.30
C HIS B 104 -7.39 14.74 -0.82
N GLN B 105 -6.72 13.98 0.05
CA GLN B 105 -6.88 14.19 1.49
C GLN B 105 -6.50 15.61 1.89
N MET B 106 -5.45 16.17 1.26
CA MET B 106 -5.03 17.53 1.62
C MET B 106 -6.04 18.57 1.14
N LEU B 107 -6.66 18.34 -0.02
CA LEU B 107 -7.66 19.29 -0.50
C LEU B 107 -8.94 19.22 0.34
N LEU B 108 -9.35 18.02 0.76
CA LEU B 108 -10.58 17.88 1.55
C LEU B 108 -10.50 18.67 2.86
N VAL B 109 -9.31 18.69 3.49
CA VAL B 109 -9.12 19.50 4.70
C VAL B 109 -9.28 20.99 4.40
N GLN B 110 -8.65 21.46 3.33
CA GLN B 110 -8.82 22.86 2.96
C GLN B 110 -10.28 23.16 2.59
N GLN B 111 -10.96 22.20 1.96
CA GLN B 111 -12.36 22.40 1.59
C GLN B 111 -13.25 22.39 2.82
N ALA B 112 -12.81 21.72 3.90
CA ALA B 112 -13.62 21.64 5.11
C ALA B 112 -13.86 23.02 5.73
N GLU B 113 -12.96 23.97 5.50
CA GLU B 113 -13.12 25.30 6.10
C GLU B 113 -14.43 25.97 5.68
N ASP B 114 -14.96 25.63 4.51
CA ASP B 114 -16.18 26.29 4.05
C ASP B 114 -17.37 25.93 4.95
N MET B 115 -17.56 24.63 5.23
CA MET B 115 -18.62 24.21 6.15
C MET B 115 -18.35 24.69 7.58
N ILE B 116 -17.08 24.69 8.00
CA ILE B 116 -16.77 25.19 9.33
C ILE B 116 -17.24 26.62 9.50
N LYS B 117 -16.92 27.48 8.52
CA LYS B 117 -17.38 28.86 8.57
C LYS B 117 -18.91 28.94 8.57
N GLU B 118 -19.57 28.07 7.80
CA GLU B 118 -21.03 28.16 7.71
C GLU B 118 -21.69 27.86 9.06
N LEU B 119 -21.20 26.86 9.78
CA LEU B 119 -21.80 26.44 11.04
C LEU B 119 -21.28 27.20 12.25
N LEU B 120 -20.32 28.11 12.06
CA LEU B 120 -19.52 28.61 13.17
C LEU B 120 -20.34 29.34 14.22
N ASN B 121 -21.33 30.13 13.80
CA ASN B 121 -22.13 30.88 14.74
C ASN B 121 -23.59 30.40 14.81
N THR B 122 -23.84 29.14 14.42
CA THR B 122 -25.07 28.43 14.74
C THR B 122 -24.91 27.72 16.09
N ASP B 123 -25.93 27.00 16.52
CA ASP B 123 -25.84 26.30 17.81
C ASP B 123 -25.20 24.92 17.71
N ARG B 124 -24.76 24.49 16.53
CA ARG B 124 -24.07 23.22 16.35
C ARG B 124 -22.80 23.43 15.51
N PRO B 125 -21.86 24.25 15.99
CA PRO B 125 -20.63 24.47 15.22
C PRO B 125 -19.81 23.20 15.14
N VAL B 126 -18.92 23.16 14.14
CA VAL B 126 -18.00 22.03 14.02
C VAL B 126 -17.10 22.04 15.24
N LYS B 127 -17.02 20.92 15.94
CA LYS B 127 -16.15 20.82 17.10
C LYS B 127 -15.15 19.68 17.04
N LEU B 128 -15.29 18.75 16.09
CA LEU B 128 -14.39 17.62 15.96
C LEU B 128 -14.11 17.37 14.48
N LEU B 129 -12.82 17.29 14.12
CA LEU B 129 -12.38 16.91 12.79
C LEU B 129 -11.53 15.66 12.94
N ILE B 130 -11.97 14.55 12.34
CA ILE B 130 -11.28 13.26 12.42
C ILE B 130 -10.60 12.99 11.09
N VAL B 131 -9.33 12.56 11.14
CA VAL B 131 -8.61 12.03 9.99
C VAL B 131 -8.14 10.62 10.34
N ASP B 132 -8.68 9.62 9.63
CA ASP B 132 -8.47 8.22 9.96
C ASP B 132 -8.36 7.45 8.64
N SER B 133 -7.16 7.22 8.11
CA SER B 133 -5.87 7.41 8.78
C SER B 133 -5.08 8.63 8.30
N LEU B 134 -4.40 9.31 9.22
CA LEU B 134 -3.64 10.49 8.82
C LEU B 134 -2.53 10.13 7.84
N THR B 135 -1.91 8.95 8.01
CA THR B 135 -0.64 8.64 7.39
C THR B 135 -0.69 7.53 6.34
N SER B 136 -1.79 6.77 6.27
CA SER B 136 -1.81 5.58 5.40
C SER B 136 -1.48 5.92 3.95
N HIS B 137 -2.12 6.95 3.38
CA HIS B 137 -1.83 7.32 1.98
C HIS B 137 -0.39 7.79 1.81
N PHE B 138 0.13 8.56 2.78
CA PHE B 138 1.49 9.07 2.66
C PHE B 138 2.48 7.93 2.69
N ARG B 139 2.22 6.93 3.52
CA ARG B 139 3.14 5.79 3.65
C ARG B 139 3.20 4.99 2.37
N SER B 140 2.05 4.83 1.69
CA SER B 140 2.03 3.95 0.54
C SER B 140 2.54 4.64 -0.73
N GLU B 141 2.32 5.94 -0.86
CA GLU B 141 2.65 6.63 -2.11
C GLU B 141 4.12 7.00 -2.18
N TYR B 142 4.71 7.45 -1.07
CA TYR B 142 6.05 8.04 -1.10
C TYR B 142 7.10 7.01 -0.73
N ILE B 143 7.42 6.14 -1.69
CA ILE B 143 8.51 5.18 -1.55
C ILE B 143 9.46 5.31 -2.74
N GLY B 144 10.73 5.02 -2.50
CA GLY B 144 11.77 5.09 -3.51
C GLY B 144 12.68 6.29 -3.31
N ARG B 145 13.84 6.23 -3.97
CA ARG B 145 14.88 7.24 -3.78
C ARG B 145 14.36 8.66 -3.99
N GLY B 146 14.49 9.50 -2.97
CA GLY B 146 14.04 10.87 -3.04
C GLY B 146 12.64 11.11 -2.54
N ALA B 147 11.91 10.06 -2.16
CA ALA B 147 10.54 10.25 -1.73
C ALA B 147 10.44 10.72 -0.28
N LEU B 148 11.45 10.41 0.53
CA LEU B 148 11.33 10.67 1.97
C LEU B 148 11.16 12.15 2.27
N ALA B 149 12.00 13.01 1.67
CA ALA B 149 11.89 14.44 1.94
C ALA B 149 10.58 15.00 1.40
N GLU B 150 10.16 14.55 0.22
CA GLU B 150 8.89 15.02 -0.34
C GLU B 150 7.73 14.59 0.55
N ARG B 151 7.80 13.38 1.09
CA ARG B 151 6.77 12.88 1.99
CA ARG B 151 6.76 12.89 1.99
C ARG B 151 6.61 13.80 3.20
N GLN B 152 7.73 14.20 3.81
CA GLN B 152 7.65 14.98 5.04
C GLN B 152 7.26 16.42 4.78
N GLN B 153 7.63 16.97 3.61
CA GLN B 153 7.17 18.30 3.22
C GLN B 153 5.65 18.34 3.11
N LYS B 154 5.07 17.36 2.43
CA LYS B 154 3.62 17.35 2.23
C LYS B 154 2.88 17.07 3.53
N LEU B 155 3.41 16.15 4.34
CA LEU B 155 2.80 15.88 5.63
C LEU B 155 2.83 17.12 6.52
N ALA B 156 3.96 17.82 6.54
CA ALA B 156 4.08 19.03 7.36
C ALA B 156 3.08 20.09 6.93
N LYS B 157 2.91 20.27 5.62
CA LYS B 157 1.92 21.23 5.15
C LYS B 157 0.52 20.80 5.57
N HIS B 158 0.22 19.51 5.44
CA HIS B 158 -1.06 18.96 5.85
C HIS B 158 -1.32 19.23 7.34
N LEU B 159 -0.35 18.94 8.20
CA LEU B 159 -0.53 19.20 9.62
C LEU B 159 -0.65 20.69 9.92
N ALA B 160 0.05 21.54 9.18
CA ALA B 160 -0.10 22.97 9.40
C ALA B 160 -1.53 23.41 9.10
N ASP B 161 -2.12 22.89 8.02
CA ASP B 161 -3.51 23.19 7.69
C ASP B 161 -4.44 22.75 8.82
N LEU B 162 -4.20 21.56 9.37
CA LEU B 162 -5.02 21.03 10.45
C LEU B 162 -4.89 21.87 11.71
N HIS B 163 -3.66 22.25 12.05
CA HIS B 163 -3.42 23.12 13.21
C HIS B 163 -4.14 24.46 13.07
N ARG B 164 -4.07 25.08 11.90
CA ARG B 164 -4.75 26.36 11.69
C ARG B 164 -6.26 26.23 11.90
N LEU B 165 -6.88 25.19 11.31
CA LEU B 165 -8.33 25.03 11.47
C LEU B 165 -8.69 24.80 12.93
N ALA B 166 -7.92 23.95 13.62
CA ALA B 166 -8.16 23.72 15.05
C ALA B 166 -8.05 25.00 15.86
N ASN B 167 -7.08 25.85 15.53
CA ASN B 167 -6.75 27.02 16.35
C ASN B 167 -7.61 28.24 15.97
N LEU B 168 -7.88 28.42 14.68
CA LEU B 168 -8.70 29.55 14.26
C LEU B 168 -10.16 29.35 14.64
N TYR B 169 -10.67 28.12 14.60
CA TYR B 169 -12.08 27.86 14.79
C TYR B 169 -12.43 27.06 16.04
N ASP B 170 -11.46 26.83 16.93
CA ASP B 170 -11.71 26.17 18.22
C ASP B 170 -12.29 24.76 18.02
N ILE B 171 -11.52 23.94 17.29
CA ILE B 171 -11.91 22.58 16.93
C ILE B 171 -10.91 21.61 17.51
N ALA B 172 -11.41 20.46 17.97
CA ALA B 172 -10.55 19.33 18.34
C ALA B 172 -10.28 18.52 17.08
N VAL B 173 -9.01 18.36 16.73
CA VAL B 173 -8.60 17.50 15.61
C VAL B 173 -8.08 16.20 16.18
N PHE B 174 -8.61 15.08 15.69
CA PHE B 174 -8.26 13.76 16.21
C PHE B 174 -7.85 12.87 15.04
N VAL B 175 -6.63 12.33 15.10
CA VAL B 175 -6.07 11.56 13.98
C VAL B 175 -5.56 10.21 14.48
N THR B 176 -5.63 9.21 13.59
CA THR B 176 -5.05 7.90 13.85
C THR B 176 -3.80 7.67 13.01
N ASN B 177 -2.91 6.81 13.51
CA ASN B 177 -1.65 6.50 12.86
C ASN B 177 -1.31 5.05 13.21
N GLN B 178 -1.19 4.19 12.20
CA GLN B 178 -0.88 2.79 12.44
C GLN B 178 0.63 2.61 12.53
N VAL B 179 1.09 1.99 13.60
CA VAL B 179 2.53 1.84 13.82
C VAL B 179 2.89 0.38 13.98
N SER B 190 4.70 16.41 15.60
CA SER B 190 4.04 17.67 15.28
C SER B 190 2.67 17.75 15.96
N ALA B 191 2.06 16.58 16.20
CA ALA B 191 0.84 16.55 16.98
C ALA B 191 1.05 17.18 18.34
N THR B 192 -0.01 17.78 18.89
CA THR B 192 0.13 18.38 20.21
C THR B 192 0.23 17.31 21.30
N LEU B 193 -0.42 16.17 21.09
CA LEU B 193 -0.47 15.12 22.12
C LEU B 193 -0.58 13.76 21.45
N ARG B 194 0.31 12.84 21.82
CA ARG B 194 0.32 11.49 21.26
C ARG B 194 -0.16 10.49 22.30
N VAL B 195 -1.06 9.60 21.90
CA VAL B 195 -1.57 8.55 22.78
C VAL B 195 -1.25 7.20 22.16
N TYR B 196 -0.55 6.36 22.91
CA TYR B 196 -0.21 5.00 22.48
C TYR B 196 -1.30 4.04 22.94
N LEU B 197 -1.93 3.33 22.00
CA LEU B 197 -3.03 2.42 22.28
C LEU B 197 -2.60 1.00 21.95
N ARG B 198 -3.00 0.04 22.78
CA ARG B 198 -2.67 -1.35 22.51
C ARG B 198 -3.68 -2.27 23.16
N LYS B 199 -3.72 -3.52 22.67
CA LYS B 199 -4.54 -4.56 23.27
C LYS B 199 -3.91 -5.11 24.54
N GLY B 200 -4.76 -5.46 25.50
CA GLY B 200 -4.35 -6.16 26.69
C GLY B 200 -5.04 -7.50 26.77
N LYS B 201 -4.56 -8.33 27.69
CA LYS B 201 -5.20 -9.61 27.98
C LYS B 201 -6.66 -9.40 28.34
N GLY B 202 -7.50 -10.37 27.97
CA GLY B 202 -8.91 -10.31 28.30
C GLY B 202 -9.71 -9.27 27.54
N GLY B 203 -9.30 -8.93 26.33
CA GLY B 203 -10.02 -7.98 25.51
C GLY B 203 -9.88 -6.53 25.92
N LYS B 204 -9.12 -6.23 26.96
CA LYS B 204 -8.98 -4.84 27.39
C LYS B 204 -8.12 -4.06 26.42
N ARG B 205 -8.24 -2.75 26.49
CA ARG B 205 -7.43 -1.82 25.71
C ARG B 205 -6.73 -0.88 26.66
N ILE B 206 -5.45 -0.62 26.41
CA ILE B 206 -4.60 0.14 27.33
C ILE B 206 -4.06 1.35 26.58
N ALA B 207 -4.16 2.53 27.21
CA ALA B 207 -3.66 3.76 26.61
C ALA B 207 -2.63 4.41 27.54
N ARG B 208 -1.62 5.03 26.92
CA ARG B 208 -0.58 5.75 27.65
C ARG B 208 -0.23 7.00 26.86
N LEU B 209 0.08 8.09 27.56
CA LEU B 209 0.58 9.29 26.91
C LEU B 209 2.07 9.15 26.63
N ILE B 210 2.52 9.68 25.49
CA ILE B 210 3.92 9.60 25.08
C ILE B 210 4.55 10.98 25.15
N ASP B 211 5.70 11.07 25.83
CA ASP B 211 6.52 12.29 25.91
C ASP B 211 5.70 13.48 26.41
N ALA B 212 5.10 13.29 27.57
CA ALA B 212 4.26 14.33 28.16
C ALA B 212 4.56 14.48 29.65
N PRO B 216 -0.49 13.06 33.43
CA PRO B 216 -0.31 11.81 34.20
C PRO B 216 0.54 10.78 33.45
N GLU B 217 1.35 10.03 34.20
CA GLU B 217 2.32 9.08 33.65
C GLU B 217 1.75 7.68 33.43
N GLY B 218 0.74 7.28 34.21
CA GLY B 218 0.28 5.91 34.17
C GLY B 218 -0.46 5.50 32.91
N GLU B 219 -1.35 4.50 33.03
CA GLU B 219 -2.07 3.95 31.90
C GLU B 219 -3.56 3.82 32.23
N ALA B 220 -4.41 4.12 31.25
CA ALA B 220 -5.84 3.90 31.37
C ALA B 220 -6.22 2.58 30.70
N VAL B 221 -7.22 1.90 31.27
CA VAL B 221 -7.64 0.59 30.77
C VAL B 221 -9.15 0.58 30.61
N PHE B 222 -9.63 0.28 29.40
CA PHE B 222 -11.06 0.29 29.13
C PHE B 222 -11.41 -0.87 28.20
N SER B 223 -12.71 -0.99 27.92
CA SER B 223 -13.27 -2.03 27.06
C SER B 223 -14.02 -1.39 25.91
N ILE B 224 -14.09 -2.09 24.79
CA ILE B 224 -14.94 -1.70 23.67
C ILE B 224 -16.31 -2.32 23.90
N THR B 225 -17.35 -1.49 23.94
CA THR B 225 -18.70 -1.95 24.26
C THR B 225 -19.72 -1.30 23.33
N GLU B 226 -20.99 -1.62 23.57
CA GLU B 226 -22.08 -0.97 22.87
C GLU B 226 -22.19 0.52 23.19
N LYS B 227 -21.45 1.00 24.18
CA LYS B 227 -21.37 2.43 24.43
C LYS B 227 -20.12 3.06 23.84
N GLY B 228 -19.43 2.35 22.97
CA GLY B 228 -18.20 2.87 22.42
C GLY B 228 -17.03 2.29 23.20
N ILE B 229 -16.50 3.07 24.15
CA ILE B 229 -15.54 2.57 25.12
C ILE B 229 -16.03 2.92 26.52
N GLU B 230 -15.66 2.10 27.51
CA GLU B 230 -15.97 2.45 28.89
C GLU B 230 -15.10 1.62 29.85
N ASP B 231 -14.86 2.20 31.02
CA ASP B 231 -14.03 1.60 32.06
C ASP B 231 -14.76 0.46 32.74
N TRP C 2 16.94 -19.34 -0.62
CA TRP C 2 17.75 -18.60 -1.60
C TRP C 2 19.18 -19.12 -1.72
N HIS C 3 19.64 -19.30 -2.96
CA HIS C 3 21.02 -19.70 -3.23
C HIS C 3 21.49 -19.09 -4.55
N THR C 4 22.80 -19.11 -4.75
CA THR C 4 23.37 -18.66 -6.02
C THR C 4 23.06 -19.66 -7.13
N ALA C 5 22.71 -19.14 -8.30
CA ALA C 5 22.41 -19.99 -9.46
C ALA C 5 23.59 -20.85 -9.89
N TRP D 2 -17.14 15.77 0.01
CA TRP D 2 -17.92 15.88 1.26
C TRP D 2 -19.43 15.56 1.10
N HIS D 3 -19.95 14.75 2.01
CA HIS D 3 -21.35 14.35 2.01
C HIS D 3 -21.84 14.19 3.46
N THR D 4 -23.12 14.40 3.67
CA THR D 4 -23.69 14.08 4.98
C THR D 4 -23.64 12.58 5.20
N ALA D 5 -23.29 12.16 6.41
CA ALA D 5 -23.35 10.73 6.71
C ALA D 5 -24.82 10.31 6.92
#